data_5LOC
#
_entry.id   5LOC
#
_cell.length_a   120.530
_cell.length_b   120.530
_cell.length_c   97.630
_cell.angle_alpha   90.000
_cell.angle_beta   90.000
_cell.angle_gamma   120.000
#
_symmetry.space_group_name_H-M   'P 31 2 1'
#
loop_
_entity.id
_entity.type
_entity.pdbx_description
1 polymer 'Meso-diaminopimelate D-dehydrogenase'
2 water water
#
_entity_poly.entity_id   1
_entity_poly.type   'polypeptide(L)'
_entity_poly.pdbx_seq_one_letter_code
;GTNIRVAIVGYGNLGRSVEKLIAKQPDMDLVGIFSRRATLDTKTPVFDVADVDKHADDVDVLFLCMGSATDIPEQAPKFA
QFACTVDTYDNHRDIPRHRQVMNEAATAAGNVALVSTGWDPGMFSINRVYAAAVLAEHQQHTFWGPGLSLGHSGALRRIP
GVQKAVQYILPSEDALEKARRGEAGDLTGKQTHKMQCFVVADAADHERIENDIRTMPDYFVGYEVEVNFIDEATFDSEHT
GMPNGGHVITTGDTGGFNHTVEYILKLDRNPDFTASSQIAFGRAAHRMKQQGQSGAFTVLEVAPYLLSPENLDDLIARDV
;
_entity_poly.pdbx_strand_id   A,B
#
# COMPACT_ATOMS: atom_id res chain seq x y z
N GLY A 1 20.31 13.48 -15.90
CA GLY A 1 21.18 14.64 -15.79
C GLY A 1 20.43 15.97 -15.82
N THR A 2 19.26 15.97 -16.46
CA THR A 2 18.46 17.19 -16.58
C THR A 2 17.02 16.99 -16.08
N ASN A 3 16.35 18.08 -15.74
CA ASN A 3 15.00 18.01 -15.20
C ASN A 3 13.98 17.49 -16.22
N ILE A 4 12.94 16.84 -15.72
CA ILE A 4 11.81 16.49 -16.57
C ILE A 4 10.99 17.74 -16.92
N ARG A 5 10.81 17.98 -18.23
CA ARG A 5 10.01 19.12 -18.70
C ARG A 5 8.53 18.74 -18.77
N VAL A 6 7.69 19.37 -17.93
CA VAL A 6 6.27 19.01 -17.86
C VAL A 6 5.31 20.15 -18.25
N ALA A 7 4.10 19.80 -18.67
CA ALA A 7 3.04 20.78 -18.90
C ALA A 7 1.67 20.26 -18.46
N ILE A 8 0.72 21.18 -18.28
CA ILE A 8 -0.61 20.84 -17.80
C ILE A 8 -1.67 21.19 -18.84
N VAL A 9 -2.62 20.28 -19.10
CA VAL A 9 -3.77 20.63 -19.95
C VAL A 9 -4.98 20.90 -19.04
N GLY A 10 -5.57 22.08 -19.13
CA GLY A 10 -6.76 22.38 -18.36
C GLY A 10 -6.40 23.09 -17.07
N TYR A 11 -7.33 23.86 -16.50
CA TYR A 11 -6.97 24.67 -15.33
C TYR A 11 -8.08 24.77 -14.29
N GLY A 12 -8.78 23.66 -14.06
CA GLY A 12 -9.72 23.57 -12.95
C GLY A 12 -8.96 23.28 -11.68
N ASN A 13 -9.63 22.75 -10.66
CA ASN A 13 -8.98 22.50 -9.38
C ASN A 13 -7.76 21.56 -9.49
N LEU A 14 -7.89 20.49 -10.26
CA LEU A 14 -6.81 19.52 -10.37
C LEU A 14 -5.59 20.17 -11.02
N GLY A 15 -5.83 20.90 -12.11
CA GLY A 15 -4.76 21.64 -12.77
C GLY A 15 -4.05 22.63 -11.87
N ARG A 16 -4.83 23.42 -11.13
CA ARG A 16 -4.27 24.39 -10.20
C ARG A 16 -3.43 23.70 -9.11
N SER A 17 -3.89 22.55 -8.61
CA SER A 17 -3.13 21.84 -7.59
C SER A 17 -1.78 21.33 -8.14
N VAL A 18 -1.80 20.78 -9.36
CA VAL A 18 -0.58 20.26 -9.97
C VAL A 18 0.43 21.40 -10.18
N GLU A 19 -0.05 22.54 -10.69
CA GLU A 19 0.81 23.70 -10.90
C GLU A 19 1.51 24.11 -9.61
N LYS A 20 0.75 24.16 -8.52
CA LYS A 20 1.27 24.57 -7.22
C LYS A 20 2.33 23.60 -6.73
N LEU A 21 2.09 22.32 -6.94
CA LEU A 21 2.93 21.31 -6.31
C LEU A 21 4.20 21.00 -7.14
N ILE A 22 4.25 21.44 -8.39
CA ILE A 22 5.49 21.30 -9.16
C ILE A 22 6.63 22.12 -8.51
N ALA A 23 6.29 23.26 -7.91
CA ALA A 23 7.28 24.05 -7.16
C ALA A 23 8.04 23.27 -6.08
N LYS A 24 7.54 22.11 -5.69
CA LYS A 24 8.15 21.34 -4.61
C LYS A 24 8.87 20.09 -5.10
N GLN A 25 8.95 19.91 -6.42
CA GLN A 25 9.70 18.78 -6.95
C GLN A 25 11.14 19.19 -7.28
N PRO A 26 12.10 18.34 -6.87
CA PRO A 26 13.52 18.64 -7.13
C PRO A 26 13.90 18.51 -8.61
N ASP A 27 13.06 17.81 -9.39
CA ASP A 27 13.47 17.38 -10.71
C ASP A 27 12.48 17.69 -11.84
N MET A 28 11.61 18.67 -11.64
CA MET A 28 10.62 19.03 -12.67
C MET A 28 10.55 20.53 -12.96
N ASP A 29 10.47 20.83 -14.26
CA ASP A 29 10.23 22.18 -14.74
C ASP A 29 8.87 22.26 -15.47
N LEU A 30 7.97 23.07 -14.91
CA LEU A 30 6.68 23.35 -15.53
C LEU A 30 6.88 24.36 -16.66
N VAL A 31 6.79 23.92 -17.91
CA VAL A 31 7.07 24.84 -19.01
C VAL A 31 5.80 25.54 -19.53
N GLY A 32 4.62 25.06 -19.18
CA GLY A 32 3.42 25.78 -19.59
C GLY A 32 2.09 25.17 -19.23
N ILE A 33 1.04 25.99 -19.36
CA ILE A 33 -0.33 25.56 -19.24
C ILE A 33 -1.03 25.65 -20.61
N PHE A 34 -1.67 24.57 -21.02
CA PHE A 34 -2.45 24.58 -22.25
C PHE A 34 -3.94 24.73 -21.94
N SER A 35 -4.54 25.80 -22.45
CA SER A 35 -5.91 26.13 -22.14
C SER A 35 -6.67 26.51 -23.41
N ARG A 36 -7.97 26.66 -23.32
CA ARG A 36 -8.74 27.16 -24.44
C ARG A 36 -8.96 28.66 -24.26
N ARG A 37 -8.67 29.14 -23.06
CA ARG A 37 -8.68 30.58 -22.79
C ARG A 37 -7.30 31.18 -23.06
N ALA A 38 -7.27 32.43 -23.51
CA ALA A 38 -5.99 33.07 -23.83
C ALA A 38 -5.28 33.58 -22.59
N THR A 39 -6.06 33.94 -21.57
CA THR A 39 -5.48 34.50 -20.37
C THR A 39 -5.90 33.73 -19.12
N LEU A 40 -4.94 33.55 -18.22
CA LEU A 40 -5.18 32.91 -16.92
C LEU A 40 -4.46 33.73 -15.85
N ASP A 41 -4.92 33.67 -14.60
CA ASP A 41 -4.25 34.41 -13.53
C ASP A 41 -3.02 33.68 -13.00
N THR A 42 -1.96 33.61 -13.79
CA THR A 42 -0.73 32.96 -13.36
C THR A 42 0.46 33.50 -14.12
N LYS A 43 1.65 33.33 -13.54
CA LYS A 43 2.90 33.71 -14.18
C LYS A 43 3.40 32.61 -15.09
N THR A 44 2.89 31.39 -14.90
CA THR A 44 3.28 30.29 -15.77
C THR A 44 2.83 30.62 -17.19
N PRO A 45 3.70 30.38 -18.20
CA PRO A 45 3.31 30.68 -19.58
C PRO A 45 2.05 29.91 -19.97
N VAL A 46 1.19 30.53 -20.77
CA VAL A 46 -0.09 29.94 -21.18
C VAL A 46 -0.19 29.87 -22.70
N PHE A 47 -0.48 28.69 -23.23
CA PHE A 47 -0.65 28.52 -24.69
C PHE A 47 -2.03 27.97 -25.03
N ASP A 48 -2.36 28.00 -26.33
CA ASP A 48 -3.61 27.42 -26.80
C ASP A 48 -3.43 25.91 -27.01
N VAL A 49 -4.42 25.13 -26.58
CA VAL A 49 -4.42 23.68 -26.72
C VAL A 49 -4.33 23.17 -28.16
N ALA A 50 -4.68 24.00 -29.13
CA ALA A 50 -4.60 23.58 -30.52
C ALA A 50 -3.16 23.63 -30.99
N ASP A 51 -2.32 24.33 -30.22
CA ASP A 51 -0.91 24.53 -30.60
C ASP A 51 0.05 23.56 -29.91
N VAL A 52 -0.49 22.57 -29.20
CA VAL A 52 0.33 21.59 -28.50
C VAL A 52 1.41 20.99 -29.41
N ASP A 53 1.04 20.75 -30.67
CA ASP A 53 1.93 20.12 -31.64
C ASP A 53 3.23 20.89 -31.82
N LYS A 54 3.14 22.21 -31.76
CA LYS A 54 4.30 23.07 -32.00
C LYS A 54 5.20 23.18 -30.76
N HIS A 55 4.84 22.47 -29.69
CA HIS A 55 5.65 22.45 -28.47
C HIS A 55 6.12 21.04 -28.13
N ALA A 56 5.80 20.08 -28.98
CA ALA A 56 6.11 18.66 -28.74
C ALA A 56 7.54 18.42 -28.21
N ASP A 57 8.53 18.91 -28.96
CA ASP A 57 9.92 18.67 -28.61
C ASP A 57 10.38 19.45 -27.38
N ASP A 58 9.46 20.22 -26.80
CA ASP A 58 9.78 20.98 -25.60
C ASP A 58 9.20 20.32 -24.35
N VAL A 59 8.37 19.31 -24.53
CA VAL A 59 7.67 18.68 -23.41
C VAL A 59 7.96 17.18 -23.29
N ASP A 60 8.27 16.73 -22.06
CA ASP A 60 8.48 15.31 -21.79
C ASP A 60 7.21 14.63 -21.26
N VAL A 61 6.45 15.35 -20.43
CA VAL A 61 5.24 14.79 -19.82
C VAL A 61 4.08 15.79 -19.84
N LEU A 62 2.91 15.34 -20.29
CA LEU A 62 1.70 16.16 -20.25
C LEU A 62 0.76 15.70 -19.15
N PHE A 63 0.47 16.57 -18.18
CA PHE A 63 -0.51 16.23 -17.15
C PHE A 63 -1.90 16.58 -17.66
N LEU A 64 -2.69 15.57 -17.95
CA LEU A 64 -4.06 15.77 -18.43
C LEU A 64 -5.01 16.04 -17.27
N CYS A 65 -5.53 17.27 -17.24
CA CYS A 65 -6.38 17.75 -16.17
C CYS A 65 -7.58 18.48 -16.75
N MET A 66 -8.11 17.92 -17.84
CA MET A 66 -9.27 18.47 -18.50
C MET A 66 -10.50 18.22 -17.64
N GLY A 67 -11.08 19.29 -17.13
CA GLY A 67 -12.30 19.22 -16.33
C GLY A 67 -13.40 18.63 -17.18
N SER A 68 -14.43 18.07 -16.54
CA SER A 68 -15.53 17.42 -17.23
C SER A 68 -15.07 16.22 -18.07
N ALA A 69 -14.72 15.13 -17.38
CA ALA A 69 -14.37 13.85 -18.01
C ALA A 69 -15.44 13.43 -19.02
N THR A 70 -14.95 12.94 -20.16
CA THR A 70 -15.60 12.93 -21.46
C THR A 70 -14.55 13.47 -22.42
N ASP A 71 -13.86 14.50 -21.95
CA ASP A 71 -12.74 15.07 -22.69
C ASP A 71 -11.62 14.07 -22.80
N ILE A 72 -11.50 13.19 -21.80
CA ILE A 72 -10.43 12.19 -21.77
C ILE A 72 -10.55 11.18 -22.92
N PRO A 73 -11.70 10.49 -23.05
CA PRO A 73 -11.79 9.53 -24.16
C PRO A 73 -11.62 10.18 -25.54
N GLU A 74 -12.07 11.43 -25.69
CA GLU A 74 -12.03 12.08 -26.98
C GLU A 74 -10.70 12.77 -27.29
N GLN A 75 -10.09 13.44 -26.31
CA GLN A 75 -8.91 14.26 -26.58
C GLN A 75 -7.57 13.64 -26.19
N ALA A 76 -7.57 12.76 -25.20
CA ALA A 76 -6.32 12.25 -24.66
C ALA A 76 -5.50 11.32 -25.61
N PRO A 77 -6.14 10.56 -26.52
CA PRO A 77 -5.25 9.76 -27.38
C PRO A 77 -4.47 10.58 -28.40
N LYS A 78 -4.95 11.77 -28.76
CA LYS A 78 -4.20 12.68 -29.61
C LYS A 78 -3.02 13.31 -28.87
N PHE A 79 -3.19 13.56 -27.58
CA PHE A 79 -2.11 14.15 -26.80
C PHE A 79 -0.92 13.20 -26.69
N ALA A 80 -1.18 11.90 -26.88
CA ALA A 80 -0.15 10.89 -26.70
C ALA A 80 0.89 10.93 -27.82
N GLN A 81 0.57 11.64 -28.91
CA GLN A 81 1.49 11.80 -30.02
C GLN A 81 2.75 12.59 -29.66
N PHE A 82 2.65 13.50 -28.69
CA PHE A 82 3.72 14.49 -28.49
C PHE A 82 4.52 14.35 -27.19
N ALA A 83 4.00 13.59 -26.23
CA ALA A 83 4.69 13.43 -24.95
C ALA A 83 4.18 12.20 -24.19
N CYS A 84 4.81 11.91 -23.06
CA CYS A 84 4.25 10.92 -22.15
C CYS A 84 2.95 11.48 -21.56
N THR A 85 2.08 10.60 -21.10
CA THR A 85 0.72 10.99 -20.74
C THR A 85 0.33 10.47 -19.35
N VAL A 86 -0.19 11.36 -18.47
CA VAL A 86 -0.76 10.93 -17.19
C VAL A 86 -2.18 11.48 -16.97
N ASP A 87 -3.15 10.61 -16.70
CA ASP A 87 -4.51 11.07 -16.42
C ASP A 87 -5.14 10.41 -15.19
N THR A 88 -6.29 10.93 -14.79
CA THR A 88 -6.98 10.47 -13.59
C THR A 88 -8.37 9.91 -13.90
N TYR A 89 -8.53 9.33 -15.08
CA TYR A 89 -9.85 8.90 -15.59
C TYR A 89 -10.57 7.95 -14.65
N ASP A 90 -11.78 8.34 -14.21
CA ASP A 90 -12.48 7.59 -13.15
C ASP A 90 -13.84 7.00 -13.52
N ASN A 91 -14.06 6.70 -14.81
CA ASN A 91 -15.26 5.99 -15.22
C ASN A 91 -14.99 4.50 -15.17
N HIS A 92 -15.30 3.90 -14.01
CA HIS A 92 -14.85 2.55 -13.67
C HIS A 92 -15.15 1.44 -14.67
N ARG A 93 -16.02 1.71 -15.65
CA ARG A 93 -16.38 0.66 -16.59
C ARG A 93 -15.74 0.87 -17.96
N ASP A 94 -15.30 2.09 -18.21
CA ASP A 94 -14.72 2.45 -19.51
C ASP A 94 -13.20 2.34 -19.48
N ILE A 95 -12.65 2.03 -18.31
CA ILE A 95 -11.20 2.00 -18.14
C ILE A 95 -10.47 0.95 -19.00
N PRO A 96 -11.00 -0.28 -19.11
CA PRO A 96 -10.29 -1.25 -19.95
C PRO A 96 -10.19 -0.84 -21.43
N ARG A 97 -11.17 -0.11 -21.94
CA ARG A 97 -11.15 0.29 -23.34
C ARG A 97 -10.27 1.52 -23.54
N HIS A 98 -10.35 2.46 -22.60
CA HIS A 98 -9.49 3.64 -22.58
C HIS A 98 -8.02 3.23 -22.67
N ARG A 99 -7.68 2.18 -21.93
CA ARG A 99 -6.33 1.65 -21.88
C ARG A 99 -5.84 1.18 -23.25
N GLN A 100 -6.68 0.43 -23.94
CA GLN A 100 -6.30 -0.14 -25.22
C GLN A 100 -6.10 0.95 -26.29
N VAL A 101 -7.02 1.92 -26.34
CA VAL A 101 -6.84 3.08 -27.22
C VAL A 101 -5.53 3.81 -26.94
N MET A 102 -5.29 4.15 -25.68
CA MET A 102 -4.05 4.83 -25.31
C MET A 102 -2.83 4.01 -25.72
N ASN A 103 -2.94 2.69 -25.59
CA ASN A 103 -1.84 1.78 -25.83
C ASN A 103 -1.29 1.89 -27.25
N GLU A 104 -2.20 1.91 -28.22
CA GLU A 104 -1.84 1.99 -29.64
C GLU A 104 -1.17 3.33 -29.95
N ALA A 105 -1.80 4.42 -29.52
CA ALA A 105 -1.31 5.76 -29.80
C ALA A 105 0.10 5.98 -29.24
N ALA A 106 0.32 5.50 -28.02
CA ALA A 106 1.60 5.68 -27.35
C ALA A 106 2.71 4.80 -27.96
N THR A 107 2.37 3.55 -28.25
CA THR A 107 3.33 2.61 -28.86
C THR A 107 3.81 3.14 -30.21
N ALA A 108 2.89 3.69 -30.99
CA ALA A 108 3.24 4.35 -32.25
C ALA A 108 4.28 5.45 -32.02
N ALA A 109 3.93 6.38 -31.14
CA ALA A 109 4.75 7.56 -30.90
C ALA A 109 6.05 7.23 -30.17
N GLY A 110 6.11 6.05 -29.57
CA GLY A 110 7.24 5.69 -28.73
C GLY A 110 7.23 6.46 -27.41
N ASN A 111 6.02 6.66 -26.86
CA ASN A 111 5.84 7.30 -25.56
C ASN A 111 5.15 6.37 -24.56
N VAL A 112 5.14 6.79 -23.30
CA VAL A 112 4.48 6.03 -22.24
C VAL A 112 3.27 6.79 -21.71
N ALA A 113 2.11 6.13 -21.69
CA ALA A 113 0.93 6.73 -21.09
C ALA A 113 0.54 5.99 -19.82
N LEU A 114 0.39 6.74 -18.73
CA LEU A 114 -0.12 6.20 -17.48
C LEU A 114 -1.56 6.66 -17.25
N VAL A 115 -2.43 5.70 -16.95
CA VAL A 115 -3.87 5.93 -16.98
C VAL A 115 -4.53 5.69 -15.61
N SER A 116 -5.60 6.47 -15.33
CA SER A 116 -6.43 6.29 -14.15
C SER A 116 -5.64 6.32 -12.83
N THR A 117 -4.77 7.32 -12.71
CA THR A 117 -4.04 7.60 -11.48
C THR A 117 -4.90 8.42 -10.53
N GLY A 118 -4.40 8.70 -9.33
CA GLY A 118 -5.16 9.43 -8.31
C GLY A 118 -5.18 8.61 -7.03
N TRP A 119 -6.18 8.81 -6.17
CA TRP A 119 -6.32 7.87 -5.04
C TRP A 119 -7.46 6.87 -5.19
N ASP A 120 -8.56 7.18 -5.89
CA ASP A 120 -9.47 6.10 -6.32
C ASP A 120 -10.20 6.52 -7.56
N PRO A 121 -9.77 6.00 -8.73
CA PRO A 121 -8.72 5.00 -8.94
C PRO A 121 -7.32 5.50 -8.58
N GLY A 122 -6.41 4.56 -8.34
CA GLY A 122 -5.06 4.89 -7.93
C GLY A 122 -4.59 4.14 -6.70
N MET A 123 -4.37 4.87 -5.60
CA MET A 123 -3.80 4.26 -4.40
C MET A 123 -4.71 3.17 -3.83
N PHE A 124 -6.03 3.40 -3.91
CA PHE A 124 -6.99 2.41 -3.44
C PHE A 124 -6.95 1.17 -4.34
N SER A 125 -6.75 1.38 -5.64
CA SER A 125 -6.63 0.27 -6.59
C SER A 125 -5.43 -0.62 -6.26
N ILE A 126 -4.31 0.03 -5.97
CA ILE A 126 -3.07 -0.66 -5.65
C ILE A 126 -3.28 -1.49 -4.39
N ASN A 127 -3.91 -0.91 -3.38
CA ASN A 127 -4.18 -1.61 -2.11
C ASN A 127 -5.19 -2.75 -2.19
N ARG A 128 -6.19 -2.62 -3.05
CA ARG A 128 -7.13 -3.71 -3.27
C ARG A 128 -6.37 -4.90 -3.83
N VAL A 129 -5.47 -4.65 -4.78
CA VAL A 129 -4.79 -5.74 -5.47
C VAL A 129 -3.68 -6.40 -4.63
N TYR A 130 -2.90 -5.62 -3.89
CA TYR A 130 -1.85 -6.20 -3.04
C TYR A 130 -2.45 -7.11 -1.99
N ALA A 131 -3.45 -6.60 -1.29
CA ALA A 131 -4.05 -7.30 -0.15
C ALA A 131 -4.83 -8.56 -0.57
N ALA A 132 -5.59 -8.46 -1.67
CA ALA A 132 -6.32 -9.63 -2.17
C ALA A 132 -5.33 -10.68 -2.65
N ALA A 133 -4.22 -10.26 -3.23
CA ALA A 133 -3.23 -11.24 -3.70
C ALA A 133 -2.58 -11.97 -2.52
N VAL A 134 -2.38 -11.29 -1.41
CA VAL A 134 -1.65 -11.89 -0.27
C VAL A 134 -2.54 -12.83 0.56
N LEU A 135 -3.80 -12.44 0.80
CA LEU A 135 -4.69 -13.30 1.61
C LEU A 135 -5.53 -14.24 0.75
N ALA A 136 -5.54 -15.52 1.14
CA ALA A 136 -6.11 -16.63 0.36
C ALA A 136 -7.54 -16.40 -0.10
N GLU A 137 -8.51 -16.75 0.73
CA GLU A 137 -9.90 -16.51 0.34
C GLU A 137 -10.44 -15.34 1.16
N HIS A 138 -10.05 -14.16 0.68
CA HIS A 138 -10.25 -12.91 1.38
C HIS A 138 -11.67 -12.40 1.33
N GLN A 139 -11.98 -11.48 2.24
CA GLN A 139 -13.08 -10.54 2.03
C GLN A 139 -12.47 -9.16 1.98
N GLN A 140 -12.97 -8.31 1.07
CA GLN A 140 -12.40 -7.00 0.84
C GLN A 140 -13.52 -6.06 0.47
N HIS A 141 -13.42 -4.81 0.87
CA HIS A 141 -14.54 -3.91 0.62
C HIS A 141 -14.14 -2.62 -0.12
N THR A 142 -14.22 -1.50 0.60
CA THR A 142 -13.83 -0.12 0.18
C THR A 142 -14.89 0.84 0.68
N PHE A 143 -14.48 1.69 1.60
CA PHE A 143 -15.35 2.75 2.10
C PHE A 143 -14.85 4.10 1.58
N TRP A 144 -15.77 4.96 1.17
CA TRP A 144 -15.40 6.32 0.80
C TRP A 144 -15.61 7.20 2.02
N GLY A 145 -14.47 7.65 2.56
CA GLY A 145 -14.35 8.18 3.92
C GLY A 145 -15.17 9.42 4.02
N PRO A 146 -15.28 9.98 5.24
CA PRO A 146 -16.03 11.24 5.39
C PRO A 146 -15.49 12.30 4.45
N GLY A 147 -16.27 12.70 3.45
CA GLY A 147 -15.77 13.66 2.46
C GLY A 147 -16.81 14.26 1.50
N LEU A 148 -16.42 15.36 0.87
CA LEU A 148 -17.32 16.08 -0.03
C LEU A 148 -17.56 15.36 -1.35
N SER A 149 -18.81 15.04 -1.65
CA SER A 149 -19.15 14.50 -2.96
C SER A 149 -19.45 15.65 -3.93
N LEU A 150 -18.69 15.75 -5.01
CA LEU A 150 -18.84 16.85 -5.97
C LEU A 150 -20.11 16.72 -6.80
N GLY A 151 -20.37 15.52 -7.30
CA GLY A 151 -21.55 15.25 -8.11
C GLY A 151 -22.85 15.45 -7.35
N HIS A 152 -22.94 14.87 -6.14
CA HIS A 152 -24.11 15.05 -5.28
C HIS A 152 -24.27 16.52 -4.88
N SER A 153 -23.15 17.21 -4.63
CA SER A 153 -23.20 18.64 -4.29
C SER A 153 -23.74 19.48 -5.46
N GLY A 154 -23.28 19.17 -6.67
CA GLY A 154 -23.83 19.81 -7.85
C GLY A 154 -25.33 19.58 -8.00
N ALA A 155 -25.77 18.36 -7.70
CA ALA A 155 -27.19 18.01 -7.88
C ALA A 155 -28.08 18.79 -6.91
N LEU A 156 -27.60 18.98 -5.68
CA LEU A 156 -28.31 19.79 -4.70
C LEU A 156 -28.42 21.25 -5.13
N ARG A 157 -27.29 21.80 -5.59
CA ARG A 157 -27.20 23.22 -5.84
C ARG A 157 -28.20 23.66 -6.91
N ARG A 158 -28.51 22.76 -7.83
CA ARG A 158 -29.43 23.08 -8.94
C ARG A 158 -30.91 23.19 -8.57
N ILE A 159 -31.29 22.65 -7.41
CA ILE A 159 -32.70 22.59 -7.00
C ILE A 159 -33.27 24.00 -6.79
N PRO A 160 -34.46 24.28 -7.33
CA PRO A 160 -35.02 25.63 -7.24
C PRO A 160 -35.04 26.10 -5.79
N GLY A 161 -34.54 27.30 -5.51
CA GLY A 161 -34.53 27.81 -4.15
C GLY A 161 -33.28 27.52 -3.35
N VAL A 162 -32.44 26.58 -3.80
CA VAL A 162 -31.19 26.32 -3.08
C VAL A 162 -30.14 27.40 -3.44
N GLN A 163 -29.72 28.14 -2.42
CA GLN A 163 -28.76 29.24 -2.57
C GLN A 163 -27.32 28.73 -2.39
N LYS A 164 -27.09 27.91 -1.35
CA LYS A 164 -25.79 27.23 -1.16
C LYS A 164 -26.03 25.85 -0.59
N ALA A 165 -25.12 24.91 -0.88
CA ALA A 165 -25.28 23.53 -0.41
C ALA A 165 -24.00 22.69 -0.55
N VAL A 166 -23.84 21.72 0.34
CA VAL A 166 -22.82 20.67 0.20
C VAL A 166 -23.43 19.31 0.57
N GLN A 167 -23.00 18.26 -0.12
CA GLN A 167 -23.30 16.86 0.31
C GLN A 167 -22.01 16.17 0.76
N TYR A 168 -22.08 15.42 1.87
CA TYR A 168 -20.97 14.60 2.32
C TYR A 168 -21.37 13.12 2.29
N ILE A 169 -20.41 12.26 1.97
CA ILE A 169 -20.59 10.82 2.08
C ILE A 169 -19.79 10.34 3.27
N LEU A 170 -20.40 9.50 4.11
CA LEU A 170 -19.82 9.08 5.39
C LEU A 170 -19.89 7.56 5.54
N PRO A 171 -18.78 6.91 5.87
CA PRO A 171 -18.82 5.46 6.10
C PRO A 171 -19.57 5.12 7.37
N SER A 172 -20.41 4.11 7.31
CA SER A 172 -21.07 3.61 8.50
C SER A 172 -20.02 3.02 9.44
N GLU A 173 -19.95 3.53 10.66
CA GLU A 173 -18.92 3.12 11.61
C GLU A 173 -19.14 1.67 12.10
N ASP A 174 -20.40 1.27 12.19
CA ASP A 174 -20.73 -0.12 12.49
C ASP A 174 -20.24 -0.99 11.35
N ALA A 175 -20.41 -0.51 10.11
CA ALA A 175 -20.00 -1.31 8.96
C ALA A 175 -18.47 -1.46 8.91
N LEU A 176 -17.76 -0.39 9.31
CA LEU A 176 -16.30 -0.42 9.36
C LEU A 176 -15.80 -1.61 10.19
N GLU A 177 -16.25 -1.72 11.44
CA GLU A 177 -15.72 -2.74 12.33
C GLU A 177 -16.18 -4.15 11.96
N LYS A 178 -17.38 -4.26 11.38
CA LYS A 178 -17.85 -5.54 10.88
C LYS A 178 -16.93 -6.04 9.76
N ALA A 179 -16.49 -5.11 8.90
CA ALA A 179 -15.49 -5.43 7.89
C ALA A 179 -14.16 -5.89 8.54
N ARG A 180 -13.71 -5.17 9.57
CA ARG A 180 -12.46 -5.51 10.24
C ARG A 180 -12.53 -6.91 10.88
N ARG A 181 -13.74 -7.33 11.27
CA ARG A 181 -13.91 -8.63 11.92
C ARG A 181 -14.53 -9.68 11.02
N GLY A 182 -14.52 -9.43 9.71
CA GLY A 182 -15.11 -10.36 8.75
C GLY A 182 -16.63 -10.54 8.84
N GLU A 183 -17.27 -9.73 9.68
CA GLU A 183 -18.72 -9.82 9.90
C GLU A 183 -19.55 -8.98 8.91
N ALA A 184 -19.16 -8.94 7.64
CA ALA A 184 -19.84 -8.05 6.71
C ALA A 184 -19.90 -8.60 5.29
N GLY A 185 -20.38 -9.83 5.14
CA GLY A 185 -20.49 -10.41 3.83
C GLY A 185 -21.75 -9.99 3.07
N ASP A 186 -22.81 -9.70 3.81
CA ASP A 186 -24.11 -9.52 3.18
C ASP A 186 -24.55 -8.06 3.06
N LEU A 187 -23.73 -7.14 3.56
CA LEU A 187 -24.04 -5.71 3.48
C LEU A 187 -24.13 -5.24 2.05
N THR A 188 -25.25 -4.61 1.69
CA THR A 188 -25.37 -3.98 0.38
C THR A 188 -24.83 -2.55 0.44
N GLY A 189 -24.57 -1.97 -0.72
CA GLY A 189 -24.04 -0.61 -0.80
C GLY A 189 -24.88 0.44 -0.08
N LYS A 190 -26.16 0.13 0.10
CA LYS A 190 -27.09 1.03 0.79
C LYS A 190 -26.90 0.98 2.31
N GLN A 191 -26.09 0.03 2.78
CA GLN A 191 -25.93 -0.17 4.22
C GLN A 191 -24.56 0.27 4.74
N THR A 192 -23.61 0.43 3.83
CA THR A 192 -22.23 0.70 4.20
C THR A 192 -21.94 2.18 4.43
N HIS A 193 -22.82 3.05 3.95
CA HIS A 193 -22.60 4.51 4.00
C HIS A 193 -23.88 5.27 4.33
N LYS A 194 -23.73 6.47 4.88
CA LYS A 194 -24.84 7.41 5.06
C LYS A 194 -24.55 8.71 4.28
N MET A 195 -25.57 9.54 4.08
CA MET A 195 -25.39 10.87 3.46
C MET A 195 -25.90 12.02 4.33
N GLN A 196 -25.20 13.14 4.26
CA GLN A 196 -25.45 14.31 5.09
C GLN A 196 -25.40 15.57 4.23
N CYS A 197 -26.47 16.37 4.22
CA CYS A 197 -26.55 17.61 3.44
C CYS A 197 -26.60 18.85 4.34
N PHE A 198 -25.98 19.94 3.91
CA PHE A 198 -26.12 21.23 4.57
C PHE A 198 -26.57 22.24 3.52
N VAL A 199 -27.68 22.92 3.79
CA VAL A 199 -28.33 23.78 2.79
C VAL A 199 -28.64 25.15 3.36
N VAL A 200 -28.38 26.19 2.57
CA VAL A 200 -28.86 27.54 2.83
C VAL A 200 -30.05 27.89 1.94
N ALA A 201 -31.21 28.21 2.52
CA ALA A 201 -32.38 28.61 1.74
C ALA A 201 -33.39 29.43 2.57
N ASP A 202 -34.24 30.21 1.91
CA ASP A 202 -35.34 30.89 2.58
C ASP A 202 -36.22 29.87 3.28
N ALA A 203 -36.73 30.25 4.45
CA ALA A 203 -37.52 29.35 5.29
C ALA A 203 -38.79 28.81 4.60
N ALA A 204 -39.43 29.63 3.78
CA ALA A 204 -40.65 29.19 3.10
C ALA A 204 -40.39 28.04 2.14
N ASP A 205 -39.14 27.92 1.68
CA ASP A 205 -38.77 26.93 0.67
C ASP A 205 -38.32 25.58 1.26
N HIS A 206 -38.14 25.50 2.58
CA HIS A 206 -37.55 24.30 3.20
C HIS A 206 -38.30 23.00 2.92
N GLU A 207 -39.61 23.00 3.09
CA GLU A 207 -40.37 21.77 2.99
C GLU A 207 -40.19 21.13 1.63
N ARG A 208 -40.37 21.95 0.61
CA ARG A 208 -40.30 21.48 -0.76
C ARG A 208 -38.86 21.06 -1.12
N ILE A 209 -37.88 21.87 -0.72
CA ILE A 209 -36.48 21.52 -0.95
C ILE A 209 -36.11 20.14 -0.34
N GLU A 210 -36.51 19.87 0.91
CA GLU A 210 -36.17 18.58 1.51
C GLU A 210 -36.83 17.42 0.76
N ASN A 211 -38.10 17.59 0.37
CA ASN A 211 -38.79 16.62 -0.49
C ASN A 211 -38.06 16.37 -1.80
N ASP A 212 -37.64 17.47 -2.45
CA ASP A 212 -36.86 17.40 -3.68
C ASP A 212 -35.59 16.56 -3.50
N ILE A 213 -34.90 16.75 -2.37
CA ILE A 213 -33.69 15.99 -2.10
C ILE A 213 -33.99 14.49 -1.88
N ARG A 214 -34.95 14.20 -1.02
CA ARG A 214 -35.15 12.80 -0.58
C ARG A 214 -35.76 11.93 -1.69
N THR A 215 -36.52 12.55 -2.60
CA THR A 215 -37.12 11.82 -3.72
C THR A 215 -36.26 11.78 -5.01
N MET A 216 -35.05 12.33 -4.97
CA MET A 216 -34.21 12.38 -6.17
C MET A 216 -33.64 11.00 -6.53
N PRO A 217 -34.01 10.50 -7.71
CA PRO A 217 -33.62 9.14 -8.10
C PRO A 217 -32.09 9.01 -8.26
N ASP A 218 -31.56 7.86 -7.83
CA ASP A 218 -30.15 7.48 -8.02
C ASP A 218 -29.16 8.20 -7.08
N TYR A 219 -29.25 9.52 -6.99
CA TYR A 219 -28.38 10.24 -6.05
C TYR A 219 -28.74 9.97 -4.58
N PHE A 220 -30.04 9.92 -4.26
CA PHE A 220 -30.46 9.92 -2.86
C PHE A 220 -31.49 8.86 -2.44
N VAL A 221 -32.32 8.37 -3.37
CA VAL A 221 -33.50 7.57 -2.99
C VAL A 221 -33.26 6.36 -2.05
N GLY A 222 -32.34 5.45 -2.35
CA GLY A 222 -32.23 4.26 -1.52
C GLY A 222 -31.42 4.38 -0.22
N TYR A 223 -30.97 5.59 0.10
CA TYR A 223 -29.96 5.81 1.15
C TYR A 223 -30.49 6.48 2.43
N GLU A 224 -29.75 6.29 3.52
CA GLU A 224 -29.92 7.06 4.74
C GLU A 224 -29.39 8.48 4.58
N VAL A 225 -30.30 9.45 4.61
CA VAL A 225 -29.94 10.84 4.31
C VAL A 225 -30.40 11.75 5.43
N GLU A 226 -29.49 12.63 5.85
CA GLU A 226 -29.80 13.69 6.80
C GLU A 226 -29.75 15.05 6.09
N VAL A 227 -30.76 15.88 6.34
CA VAL A 227 -30.86 17.18 5.68
C VAL A 227 -30.89 18.27 6.72
N ASN A 228 -29.86 19.13 6.70
CA ASN A 228 -29.75 20.22 7.65
C ASN A 228 -29.79 21.59 6.99
N PHE A 229 -30.74 22.42 7.42
CA PHE A 229 -30.78 23.80 6.95
C PHE A 229 -29.98 24.73 7.89
N ILE A 230 -29.04 25.50 7.35
CA ILE A 230 -28.19 26.38 8.14
C ILE A 230 -28.18 27.79 7.54
N ASP A 231 -27.73 28.78 8.32
CA ASP A 231 -27.66 30.13 7.78
C ASP A 231 -26.35 30.29 7.00
N GLU A 232 -26.23 31.36 6.22
CA GLU A 232 -25.11 31.53 5.30
C GLU A 232 -23.76 31.75 6.00
N ALA A 233 -23.78 32.42 7.14
CA ALA A 233 -22.54 32.67 7.89
C ALA A 233 -21.94 31.34 8.36
N THR A 234 -22.80 30.45 8.82
CA THR A 234 -22.35 29.14 9.26
C THR A 234 -21.77 28.37 8.08
N PHE A 235 -22.49 28.34 6.97
CA PHE A 235 -22.02 27.68 5.75
C PHE A 235 -20.63 28.18 5.32
N ASP A 236 -20.45 29.50 5.29
CA ASP A 236 -19.21 30.03 4.73
C ASP A 236 -18.00 29.67 5.59
N SER A 237 -18.18 29.60 6.90
CA SER A 237 -17.05 29.24 7.78
C SER A 237 -16.72 27.74 7.85
N GLU A 238 -17.70 26.86 7.75
CA GLU A 238 -17.45 25.43 8.01
C GLU A 238 -17.48 24.52 6.78
N HIS A 239 -18.10 24.97 5.69
CA HIS A 239 -18.41 24.03 4.62
C HIS A 239 -17.85 24.37 3.25
N THR A 240 -16.78 25.16 3.21
CA THR A 240 -16.20 25.55 1.92
C THR A 240 -14.87 24.83 1.63
N GLY A 241 -14.41 23.97 2.54
CA GLY A 241 -13.28 23.10 2.27
C GLY A 241 -13.62 21.97 1.28
N MET A 242 -12.63 21.18 0.90
CA MET A 242 -12.87 20.02 0.04
C MET A 242 -12.27 18.74 0.69
N PRO A 243 -12.72 18.38 1.90
CA PRO A 243 -12.15 17.16 2.54
C PRO A 243 -12.56 15.86 1.85
N ASN A 244 -11.74 14.83 1.97
CA ASN A 244 -12.10 13.50 1.49
C ASN A 244 -11.12 12.43 2.00
N GLY A 245 -11.27 11.21 1.48
CA GLY A 245 -10.51 10.09 2.00
C GLY A 245 -11.29 8.78 1.96
N GLY A 246 -10.87 7.81 2.77
CA GLY A 246 -11.53 6.51 2.78
C GLY A 246 -10.78 5.40 3.49
N HIS A 247 -11.39 4.22 3.56
CA HIS A 247 -10.72 3.00 4.03
C HIS A 247 -10.80 1.90 2.98
N VAL A 248 -9.71 1.15 2.84
CA VAL A 248 -9.79 -0.16 2.15
C VAL A 248 -9.46 -1.23 3.16
N ILE A 249 -10.42 -2.12 3.40
CA ILE A 249 -10.26 -3.16 4.41
C ILE A 249 -10.35 -4.56 3.82
N THR A 250 -9.35 -5.38 4.14
CA THR A 250 -9.25 -6.78 3.70
C THR A 250 -9.02 -7.73 4.89
N THR A 251 -9.70 -8.88 4.91
CA THR A 251 -9.43 -9.92 5.91
C THR A 251 -9.27 -11.30 5.28
N GLY A 252 -8.77 -12.25 6.06
CA GLY A 252 -8.54 -13.60 5.55
C GLY A 252 -8.10 -14.59 6.62
N ASP A 253 -8.40 -15.87 6.41
CA ASP A 253 -8.16 -16.89 7.42
C ASP A 253 -7.04 -17.82 6.98
N THR A 254 -6.16 -18.20 7.92
CA THR A 254 -5.09 -19.13 7.60
C THR A 254 -5.19 -20.42 8.43
N GLY A 255 -6.43 -20.86 8.70
CA GLY A 255 -6.69 -22.07 9.44
C GLY A 255 -7.02 -21.87 10.91
N GLY A 256 -7.98 -21.00 11.19
CA GLY A 256 -8.34 -20.70 12.57
C GLY A 256 -7.60 -19.48 13.11
N PHE A 257 -6.99 -18.72 12.22
CA PHE A 257 -6.34 -17.46 12.60
C PHE A 257 -6.74 -16.33 11.63
N ASN A 258 -7.23 -15.23 12.17
CA ASN A 258 -7.65 -14.09 11.33
C ASN A 258 -6.55 -13.07 11.15
N HIS A 259 -6.58 -12.35 10.04
CA HIS A 259 -5.66 -11.26 9.77
C HIS A 259 -6.41 -10.10 9.14
N THR A 260 -6.10 -8.89 9.59
CA THR A 260 -6.74 -7.70 9.03
C THR A 260 -5.73 -6.73 8.45
N VAL A 261 -5.97 -6.32 7.20
CA VAL A 261 -5.18 -5.30 6.51
C VAL A 261 -6.06 -4.07 6.30
N GLU A 262 -5.63 -2.91 6.77
CA GLU A 262 -6.43 -1.70 6.56
C GLU A 262 -5.59 -0.51 6.09
N TYR A 263 -6.05 0.13 5.02
CA TYR A 263 -5.42 1.31 4.43
C TYR A 263 -6.37 2.51 4.55
N ILE A 264 -5.88 3.62 5.07
CA ILE A 264 -6.73 4.77 5.39
C ILE A 264 -6.13 6.06 4.83
N LEU A 265 -6.96 6.87 4.18
CA LEU A 265 -6.56 8.20 3.73
C LEU A 265 -7.44 9.21 4.42
N LYS A 266 -6.82 10.27 4.93
CA LYS A 266 -7.55 11.38 5.51
C LYS A 266 -7.00 12.69 4.92
N LEU A 267 -7.75 13.30 4.00
CA LEU A 267 -7.27 14.39 3.14
C LEU A 267 -7.98 15.72 3.41
N ASP A 268 -7.24 16.78 3.77
CA ASP A 268 -7.87 18.12 3.95
C ASP A 268 -8.37 18.74 2.65
N ARG A 269 -7.73 18.37 1.55
CA ARG A 269 -8.09 18.95 0.26
C ARG A 269 -7.91 17.95 -0.88
N ASN A 270 -9.03 17.51 -1.44
CA ASN A 270 -9.09 16.41 -2.39
C ASN A 270 -8.19 16.57 -3.64
N PRO A 271 -8.32 17.69 -4.38
CA PRO A 271 -7.48 17.75 -5.57
C PRO A 271 -5.97 17.84 -5.26
N ASP A 272 -5.57 18.32 -4.08
CA ASP A 272 -4.13 18.40 -3.74
C ASP A 272 -3.53 16.99 -3.67
N PHE A 273 -4.25 16.05 -3.05
CA PHE A 273 -3.72 14.67 -2.95
C PHE A 273 -3.79 13.94 -4.29
N THR A 274 -4.84 14.20 -5.06
CA THR A 274 -4.95 13.62 -6.40
C THR A 274 -3.80 14.08 -7.30
N ALA A 275 -3.49 15.38 -7.23
CA ALA A 275 -2.37 15.96 -7.97
C ALA A 275 -1.02 15.38 -7.52
N SER A 276 -0.85 15.20 -6.20
CA SER A 276 0.38 14.57 -5.69
C SER A 276 0.62 13.19 -6.30
N SER A 277 -0.40 12.34 -6.25
CA SER A 277 -0.35 11.02 -6.91
C SER A 277 -0.03 11.14 -8.40
N GLN A 278 -0.84 11.95 -9.11
CA GLN A 278 -0.64 12.16 -10.53
C GLN A 278 0.81 12.55 -10.86
N ILE A 279 1.38 13.47 -10.07
CA ILE A 279 2.73 13.95 -10.30
C ILE A 279 3.78 12.82 -10.20
N ALA A 280 3.65 11.95 -9.20
CA ALA A 280 4.64 10.88 -9.02
C ALA A 280 4.60 9.86 -10.14
N PHE A 281 3.40 9.63 -10.68
CA PHE A 281 3.26 8.69 -11.78
C PHE A 281 3.79 9.27 -13.10
N GLY A 282 3.86 10.60 -13.17
CA GLY A 282 4.48 11.26 -14.31
C GLY A 282 5.99 11.05 -14.33
N ARG A 283 6.59 11.11 -13.14
CA ARG A 283 7.99 10.76 -12.94
C ARG A 283 8.24 9.32 -13.40
N ALA A 284 7.27 8.45 -13.14
CA ALA A 284 7.42 7.04 -13.50
C ALA A 284 7.33 6.83 -15.02
N ALA A 285 6.37 7.48 -15.66
CA ALA A 285 6.19 7.36 -17.11
C ALA A 285 7.45 7.78 -17.84
N HIS A 286 7.98 8.94 -17.47
CA HIS A 286 9.21 9.43 -18.08
C HIS A 286 10.30 8.38 -17.94
N ARG A 287 10.53 7.91 -16.71
CA ARG A 287 11.57 6.91 -16.42
C ARG A 287 11.42 5.59 -17.18
N MET A 288 10.19 5.11 -17.32
CA MET A 288 9.91 3.92 -18.09
C MET A 288 10.30 4.10 -19.55
N LYS A 289 10.01 5.29 -20.10
CA LYS A 289 10.31 5.60 -21.49
C LYS A 289 11.81 5.66 -21.75
N GLN A 290 12.54 6.35 -20.88
CA GLN A 290 14.00 6.30 -20.95
C GLN A 290 14.65 4.92 -20.74
N GLN A 291 13.98 3.96 -20.12
CA GLN A 291 14.61 2.63 -19.95
C GLN A 291 14.14 1.71 -21.08
N GLY A 292 13.20 2.22 -21.87
CA GLY A 292 12.78 1.54 -23.07
C GLY A 292 11.29 1.45 -23.28
N GLN A 293 10.59 2.57 -23.10
CA GLN A 293 9.19 2.84 -23.59
C GLN A 293 8.20 1.66 -23.44
N SER A 294 6.97 1.88 -23.92
CA SER A 294 6.01 0.87 -24.38
C SER A 294 4.70 1.59 -24.62
N GLY A 295 3.60 1.03 -24.13
CA GLY A 295 2.30 1.59 -24.40
C GLY A 295 1.66 2.36 -23.27
N ALA A 296 0.40 2.00 -23.00
CA ALA A 296 -0.34 2.49 -21.85
C ALA A 296 -0.28 1.48 -20.70
N PHE A 297 -0.32 1.99 -19.47
CA PHE A 297 -0.25 1.14 -18.29
C PHE A 297 -1.19 1.67 -17.22
N THR A 298 -1.72 0.76 -16.41
CA THR A 298 -2.47 1.15 -15.23
C THR A 298 -1.48 1.20 -14.06
N VAL A 299 -1.94 1.73 -12.91
CA VAL A 299 -1.06 1.82 -11.75
C VAL A 299 -0.61 0.42 -11.25
N LEU A 300 -1.31 -0.62 -11.67
CA LEU A 300 -0.92 -1.99 -11.30
C LEU A 300 0.34 -2.49 -12.01
N GLU A 301 0.79 -1.77 -13.03
CA GLU A 301 1.86 -2.29 -13.88
C GLU A 301 3.16 -1.50 -13.69
N VAL A 302 3.22 -0.71 -12.62
CA VAL A 302 4.39 0.13 -12.33
C VAL A 302 5.07 -0.32 -11.02
N ALA A 303 6.37 -0.61 -11.04
CA ALA A 303 7.06 -0.96 -9.80
C ALA A 303 7.18 0.25 -8.88
N PRO A 304 6.97 0.05 -7.57
CA PRO A 304 6.96 1.14 -6.58
C PRO A 304 8.12 2.13 -6.70
N TYR A 305 9.34 1.66 -6.92
CA TYR A 305 10.49 2.56 -6.90
C TYR A 305 10.47 3.65 -8.00
N LEU A 306 9.69 3.41 -9.07
CA LEU A 306 9.66 4.35 -10.20
C LEU A 306 8.99 5.69 -9.85
N LEU A 307 8.17 5.71 -8.80
CA LEU A 307 7.50 6.97 -8.39
C LEU A 307 8.40 7.92 -7.62
N SER A 308 9.47 7.39 -7.01
CA SER A 308 10.27 8.18 -6.07
C SER A 308 11.37 9.03 -6.73
N PRO A 309 11.54 10.27 -6.26
CA PRO A 309 12.63 11.13 -6.73
C PRO A 309 14.02 10.67 -6.28
N GLU A 310 14.10 9.63 -5.45
CA GLU A 310 15.39 9.15 -4.93
C GLU A 310 15.90 7.97 -5.75
N ASN A 311 17.22 7.77 -5.77
CA ASN A 311 17.83 6.59 -6.40
C ASN A 311 17.38 5.28 -5.76
N LEU A 312 17.39 4.22 -6.56
CA LEU A 312 16.97 2.92 -6.11
C LEU A 312 17.85 2.37 -5.00
N ASP A 313 19.16 2.51 -5.15
CA ASP A 313 20.08 2.08 -4.10
C ASP A 313 19.82 2.83 -2.78
N ASP A 314 19.55 4.12 -2.87
CA ASP A 314 19.29 4.92 -1.69
C ASP A 314 18.03 4.43 -0.98
N LEU A 315 17.04 4.01 -1.78
CA LEU A 315 15.78 3.50 -1.25
C LEU A 315 15.98 2.17 -0.57
N ILE A 316 16.78 1.30 -1.16
CA ILE A 316 16.99 -0.04 -0.62
C ILE A 316 17.72 0.05 0.72
N ALA A 317 18.67 0.97 0.81
CA ALA A 317 19.52 1.10 1.99
C ALA A 317 18.75 1.60 3.22
N ARG A 318 17.85 2.58 3.04
CA ARG A 318 16.86 2.83 4.08
C ARG A 318 15.57 2.10 3.66
N ASP A 319 14.44 2.47 4.23
CA ASP A 319 13.11 1.99 3.76
C ASP A 319 12.82 0.47 3.64
N VAL A 320 13.68 -0.33 3.01
CA VAL A 320 13.38 -1.77 3.00
C VAL A 320 13.52 -2.37 4.41
N ASN B 3 1.12 -24.59 -14.76
CA ASN B 3 1.19 -24.65 -13.30
C ASN B 3 2.64 -24.62 -12.78
N ILE B 4 2.79 -24.50 -11.45
CA ILE B 4 4.02 -23.94 -10.85
C ILE B 4 4.78 -24.88 -9.88
N ARG B 5 6.10 -24.68 -9.81
CA ARG B 5 7.10 -25.69 -9.42
C ARG B 5 7.68 -25.71 -7.98
N VAL B 6 6.93 -25.75 -6.89
CA VAL B 6 7.60 -25.30 -5.63
C VAL B 6 8.03 -26.31 -4.52
N ALA B 7 9.14 -25.99 -3.84
CA ALA B 7 9.64 -26.77 -2.70
C ALA B 7 10.10 -25.87 -1.55
N ILE B 8 10.06 -26.38 -0.32
CA ILE B 8 10.42 -25.59 0.87
C ILE B 8 11.69 -26.07 1.54
N VAL B 9 12.55 -25.13 1.95
CA VAL B 9 13.75 -25.46 2.70
C VAL B 9 13.65 -25.02 4.16
N GLY B 10 13.61 -25.98 5.08
CA GLY B 10 13.42 -25.70 6.50
C GLY B 10 12.04 -26.15 6.94
N TYR B 11 11.87 -26.43 8.23
CA TYR B 11 10.58 -26.84 8.75
C TYR B 11 10.28 -26.28 10.14
N GLY B 12 10.76 -25.06 10.40
CA GLY B 12 10.38 -24.31 11.59
C GLY B 12 9.03 -23.64 11.38
N ASN B 13 8.71 -22.66 12.20
CA ASN B 13 7.40 -21.99 12.12
C ASN B 13 7.05 -21.48 10.74
N LEU B 14 8.01 -20.84 10.05
CA LEU B 14 7.74 -20.25 8.74
C LEU B 14 7.47 -21.33 7.69
N GLY B 15 8.37 -22.31 7.62
CA GLY B 15 8.25 -23.41 6.69
C GLY B 15 6.97 -24.19 6.86
N ARG B 16 6.59 -24.46 8.10
CA ARG B 16 5.30 -25.08 8.39
C ARG B 16 4.16 -24.22 7.84
N SER B 17 4.16 -22.93 8.16
CA SER B 17 3.14 -22.02 7.65
C SER B 17 3.05 -22.01 6.11
N VAL B 18 4.20 -22.02 5.44
CA VAL B 18 4.22 -22.02 3.96
C VAL B 18 3.62 -23.31 3.38
N GLU B 19 3.92 -24.44 4.04
CA GLU B 19 3.37 -25.73 3.60
C GLU B 19 1.85 -25.77 3.73
N LYS B 20 1.37 -25.30 4.88
CA LYS B 20 -0.06 -25.21 5.18
C LYS B 20 -0.85 -24.38 4.15
N LEU B 21 -0.22 -23.35 3.60
CA LEU B 21 -0.93 -22.39 2.74
C LEU B 21 -0.79 -22.68 1.24
N ILE B 22 0.26 -23.40 0.85
CA ILE B 22 0.41 -23.81 -0.54
C ILE B 22 -0.77 -24.67 -1.00
N ALA B 23 -1.42 -25.32 -0.04
CA ALA B 23 -2.54 -26.22 -0.33
C ALA B 23 -3.87 -25.48 -0.52
N LYS B 24 -3.79 -24.17 -0.72
CA LYS B 24 -4.97 -23.35 -0.99
C LYS B 24 -4.73 -22.51 -2.23
N GLN B 25 -3.53 -22.65 -2.79
CA GLN B 25 -3.20 -22.01 -4.06
C GLN B 25 -3.77 -22.83 -5.21
N PRO B 26 -4.60 -22.18 -6.06
CA PRO B 26 -5.24 -22.87 -7.18
C PRO B 26 -4.22 -23.19 -8.27
N ASP B 27 -3.01 -22.66 -8.12
CA ASP B 27 -2.03 -22.72 -9.18
C ASP B 27 -0.65 -23.09 -8.68
N MET B 28 -0.56 -23.70 -7.50
CA MET B 28 0.72 -24.09 -6.93
C MET B 28 0.78 -25.56 -6.53
N ASP B 29 1.84 -26.26 -6.95
CA ASP B 29 2.05 -27.64 -6.48
C ASP B 29 3.24 -27.74 -5.52
N LEU B 30 3.11 -28.53 -4.46
CA LEU B 30 4.23 -28.69 -3.53
C LEU B 30 5.00 -29.97 -3.83
N VAL B 31 6.20 -29.80 -4.38
CA VAL B 31 7.08 -30.91 -4.73
C VAL B 31 7.64 -31.60 -3.47
N GLY B 32 8.10 -30.82 -2.49
CA GLY B 32 8.58 -31.38 -1.24
C GLY B 32 9.38 -30.47 -0.31
N ILE B 33 9.83 -31.04 0.81
CA ILE B 33 10.57 -30.31 1.85
C ILE B 33 12.03 -30.75 1.99
N PHE B 34 12.94 -29.81 1.77
CA PHE B 34 14.39 -30.05 1.90
C PHE B 34 14.88 -29.79 3.34
N SER B 35 14.97 -30.84 4.14
CA SER B 35 15.45 -30.70 5.52
C SER B 35 16.69 -31.53 5.80
N ARG B 36 17.30 -31.28 6.95
CA ARG B 36 18.48 -32.04 7.35
C ARG B 36 18.08 -33.39 7.97
N ARG B 37 16.88 -33.45 8.52
CA ARG B 37 16.33 -34.70 9.03
C ARG B 37 15.84 -35.57 7.88
N ALA B 38 15.40 -36.79 8.17
CA ALA B 38 14.86 -37.66 7.12
C ALA B 38 13.42 -38.05 7.42
N THR B 39 12.90 -37.54 8.55
CA THR B 39 11.53 -37.85 8.97
C THR B 39 10.90 -36.64 9.63
N LEU B 40 9.78 -36.17 9.09
CA LEU B 40 9.01 -35.09 9.69
C LEU B 40 7.57 -35.53 9.87
N ASP B 41 6.77 -34.72 10.54
CA ASP B 41 5.41 -35.09 10.91
C ASP B 41 4.39 -34.81 9.80
N THR B 42 4.78 -34.96 8.53
CA THR B 42 3.89 -34.63 7.42
C THR B 42 3.88 -35.64 6.25
N LYS B 43 2.81 -35.59 5.47
CA LYS B 43 2.64 -36.49 4.33
C LYS B 43 3.37 -35.95 3.11
N THR B 44 3.85 -34.72 3.21
CA THR B 44 4.66 -34.14 2.15
C THR B 44 5.99 -34.90 2.12
N PRO B 45 6.47 -35.27 0.91
CA PRO B 45 7.76 -35.95 0.77
C PRO B 45 8.88 -35.16 1.40
N VAL B 46 9.85 -35.87 2.00
CA VAL B 46 10.93 -35.23 2.73
C VAL B 46 12.28 -35.64 2.14
N PHE B 47 13.02 -34.69 1.59
CA PHE B 47 14.32 -34.98 0.99
C PHE B 47 15.42 -34.31 1.78
N ASP B 48 16.65 -34.79 1.65
CA ASP B 48 17.79 -34.19 2.35
C ASP B 48 18.29 -32.97 1.56
N VAL B 49 18.99 -32.07 2.25
CA VAL B 49 19.25 -30.72 1.73
C VAL B 49 20.32 -30.66 0.65
N ALA B 50 21.26 -31.58 0.70
CA ALA B 50 22.38 -31.52 -0.23
C ALA B 50 22.09 -32.28 -1.52
N ASP B 51 20.90 -32.87 -1.66
CA ASP B 51 20.59 -33.67 -2.85
C ASP B 51 19.88 -32.81 -3.89
N VAL B 52 20.13 -31.51 -3.75
CA VAL B 52 20.16 -30.48 -4.81
C VAL B 52 19.55 -30.74 -6.18
N ASP B 53 19.91 -31.89 -6.73
CA ASP B 53 20.28 -32.02 -8.14
C ASP B 53 19.16 -32.46 -9.08
N LYS B 54 18.41 -33.47 -8.62
CA LYS B 54 17.61 -34.34 -9.47
C LYS B 54 16.15 -33.94 -9.32
N HIS B 55 15.98 -32.87 -8.53
CA HIS B 55 14.74 -32.13 -8.46
C HIS B 55 14.98 -30.74 -9.08
N ALA B 56 16.25 -30.36 -9.27
CA ALA B 56 16.62 -29.02 -9.78
C ALA B 56 16.12 -28.70 -11.19
N ASP B 57 15.66 -29.73 -11.92
CA ASP B 57 14.96 -29.50 -13.17
C ASP B 57 13.47 -29.79 -12.98
N ASP B 58 13.10 -30.14 -11.75
CA ASP B 58 11.70 -30.21 -11.35
C ASP B 58 11.36 -29.03 -10.44
N VAL B 59 12.11 -27.93 -10.57
CA VAL B 59 11.89 -26.73 -9.74
C VAL B 59 12.03 -25.41 -10.50
N ASP B 60 11.29 -24.42 -10.02
CA ASP B 60 11.40 -23.04 -10.49
C ASP B 60 11.96 -22.18 -9.38
N VAL B 61 11.44 -22.40 -8.18
CA VAL B 61 11.70 -21.53 -7.04
C VAL B 61 11.53 -22.30 -5.73
N LEU B 62 12.55 -22.19 -4.88
CA LEU B 62 12.48 -22.76 -3.56
C LEU B 62 12.07 -21.67 -2.60
N PHE B 63 11.21 -22.02 -1.65
CA PHE B 63 10.88 -21.14 -0.55
C PHE B 63 11.93 -21.32 0.53
N LEU B 64 12.73 -20.28 0.75
CA LEU B 64 13.81 -20.37 1.72
C LEU B 64 13.28 -19.99 3.11
N CYS B 65 13.22 -21.01 3.97
CA CYS B 65 12.61 -20.89 5.28
C CYS B 65 13.51 -21.47 6.37
N MET B 66 14.82 -21.31 6.19
CA MET B 66 15.78 -21.74 7.19
C MET B 66 15.61 -20.95 8.48
N GLY B 67 15.42 -21.67 9.58
CA GLY B 67 15.42 -21.04 10.88
C GLY B 67 16.84 -20.60 11.18
N SER B 68 17.01 -19.75 12.19
CA SER B 68 18.34 -19.26 12.58
C SER B 68 19.00 -18.48 11.44
N ALA B 69 18.36 -17.38 11.05
CA ALA B 69 18.88 -16.48 10.03
C ALA B 69 20.34 -16.12 10.30
N THR B 70 21.13 -16.18 9.23
CA THR B 70 22.59 -16.20 9.16
C THR B 70 22.84 -17.32 8.19
N ASP B 71 21.86 -18.22 8.15
CA ASP B 71 21.91 -19.39 7.29
C ASP B 71 21.80 -18.98 5.83
N ILE B 72 21.13 -17.88 5.56
CA ILE B 72 20.87 -17.54 4.17
C ILE B 72 21.87 -16.56 3.53
N PRO B 73 22.64 -15.81 4.34
CA PRO B 73 23.79 -15.23 3.61
C PRO B 73 24.76 -16.31 3.12
N GLU B 74 24.69 -17.49 3.73
CA GLU B 74 25.54 -18.62 3.39
C GLU B 74 24.96 -19.47 2.27
N GLN B 75 23.80 -20.06 2.57
CA GLN B 75 23.22 -21.12 1.75
C GLN B 75 22.40 -20.61 0.57
N ALA B 76 22.01 -19.34 0.61
CA ALA B 76 21.15 -18.82 -0.46
C ALA B 76 21.88 -18.44 -1.76
N PRO B 77 23.13 -17.92 -1.70
CA PRO B 77 23.71 -17.63 -3.02
C PRO B 77 23.97 -18.85 -3.96
N LYS B 78 24.26 -20.05 -3.47
CA LYS B 78 24.36 -21.24 -4.35
C LYS B 78 23.01 -21.97 -4.44
N PHE B 79 22.09 -21.68 -3.51
CA PHE B 79 20.75 -22.20 -3.69
C PHE B 79 20.14 -21.58 -4.93
N ALA B 80 20.69 -20.43 -5.32
CA ALA B 80 20.20 -19.65 -6.44
C ALA B 80 20.25 -20.41 -7.78
N GLN B 81 21.42 -20.86 -8.18
CA GLN B 81 21.63 -21.45 -9.50
C GLN B 81 20.99 -22.82 -9.73
N PHE B 82 20.00 -23.17 -8.90
CA PHE B 82 19.20 -24.37 -9.12
C PHE B 82 17.75 -24.02 -9.46
N ALA B 83 17.32 -22.84 -9.04
CA ALA B 83 15.94 -22.41 -9.25
C ALA B 83 15.81 -20.89 -9.16
N CYS B 84 14.68 -20.44 -8.62
CA CYS B 84 14.51 -19.04 -8.21
C CYS B 84 14.45 -19.03 -6.69
N THR B 85 14.61 -17.85 -6.09
CA THR B 85 14.75 -17.74 -4.64
C THR B 85 13.73 -16.75 -4.07
N VAL B 86 13.09 -17.12 -2.97
CA VAL B 86 12.32 -16.17 -2.16
C VAL B 86 12.75 -16.27 -0.71
N ASP B 87 13.41 -15.23 -0.21
CA ASP B 87 13.83 -15.23 1.19
C ASP B 87 13.16 -14.07 1.94
N THR B 88 13.25 -14.12 3.27
CA THR B 88 12.64 -13.08 4.11
C THR B 88 13.71 -12.45 4.98
N TYR B 89 14.93 -12.40 4.45
CA TYR B 89 16.09 -11.84 5.15
C TYR B 89 15.74 -10.48 5.78
N ASP B 90 15.80 -10.40 7.12
CA ASP B 90 15.37 -9.18 7.82
C ASP B 90 16.50 -8.47 8.56
N ASN B 91 17.73 -8.78 8.17
CA ASN B 91 18.86 -8.05 8.71
C ASN B 91 19.12 -6.82 7.85
N HIS B 92 18.37 -5.74 8.10
CA HIS B 92 18.60 -4.47 7.39
C HIS B 92 20.06 -4.09 7.64
N ARG B 93 20.61 -3.24 6.77
CA ARG B 93 22.03 -2.86 6.77
C ARG B 93 22.85 -3.87 5.97
N ASP B 94 22.53 -5.15 6.08
CA ASP B 94 23.20 -6.14 5.25
C ASP B 94 22.42 -6.41 3.97
N ILE B 95 21.16 -5.98 3.94
CA ILE B 95 20.30 -6.21 2.78
C ILE B 95 20.90 -5.70 1.45
N PRO B 96 21.52 -4.49 1.44
CA PRO B 96 22.11 -4.07 0.15
C PRO B 96 23.24 -5.00 -0.31
N ARG B 97 24.06 -5.46 0.62
CA ARG B 97 25.18 -6.32 0.26
C ARG B 97 24.70 -7.70 -0.19
N HIS B 98 23.78 -8.27 0.58
CA HIS B 98 23.11 -9.53 0.26
C HIS B 98 22.56 -9.50 -1.16
N ARG B 99 21.95 -8.37 -1.51
CA ARG B 99 21.32 -8.20 -2.81
C ARG B 99 22.32 -8.32 -3.97
N GLN B 100 23.51 -7.76 -3.81
CA GLN B 100 24.51 -7.82 -4.86
C GLN B 100 24.99 -9.25 -5.11
N VAL B 101 25.48 -9.91 -4.06
CA VAL B 101 25.98 -11.27 -4.20
C VAL B 101 24.86 -12.20 -4.65
N MET B 102 23.61 -11.80 -4.42
CA MET B 102 22.49 -12.52 -4.99
C MET B 102 22.39 -12.27 -6.47
N ASN B 103 22.61 -11.02 -6.89
CA ASN B 103 22.45 -10.66 -8.30
C ASN B 103 23.41 -11.42 -9.19
N GLU B 104 24.63 -11.60 -8.70
CA GLU B 104 25.65 -12.30 -9.47
C GLU B 104 25.25 -13.75 -9.68
N ALA B 105 24.86 -14.41 -8.59
CA ALA B 105 24.52 -15.83 -8.61
C ALA B 105 23.12 -16.09 -9.17
N ALA B 106 22.37 -15.03 -9.43
CA ALA B 106 21.03 -15.16 -9.99
C ALA B 106 21.11 -15.23 -11.50
N THR B 107 22.05 -14.46 -12.06
CA THR B 107 22.37 -14.54 -13.48
C THR B 107 22.84 -15.96 -13.81
N ALA B 108 21.85 -16.84 -13.97
CA ALA B 108 22.03 -18.27 -14.20
C ALA B 108 20.63 -18.84 -14.36
N ALA B 109 19.81 -18.07 -15.08
CA ALA B 109 18.40 -18.36 -15.43
C ALA B 109 17.42 -17.98 -14.31
N GLY B 110 17.94 -17.63 -13.15
CA GLY B 110 17.08 -17.41 -12.00
C GLY B 110 16.82 -15.96 -11.64
N VAL B 112 15.66 -15.72 -11.04
CA VAL B 112 15.40 -14.43 -10.37
C VAL B 112 15.26 -14.64 -8.86
N ALA B 113 16.03 -13.88 -8.10
CA ALA B 113 15.95 -13.93 -6.64
C ALA B 113 15.17 -12.72 -6.12
N LEU B 114 14.10 -12.99 -5.38
CA LEU B 114 13.38 -11.97 -4.62
C LEU B 114 13.78 -12.04 -3.15
N VAL B 115 14.35 -10.96 -2.63
CA VAL B 115 14.85 -10.95 -1.25
C VAL B 115 14.05 -10.05 -0.30
N SER B 116 14.08 -10.40 0.99
CA SER B 116 13.50 -9.61 2.08
C SER B 116 12.00 -9.34 1.91
N THR B 117 11.27 -10.43 1.70
CA THR B 117 9.81 -10.42 1.65
C THR B 117 9.24 -10.61 3.06
N GLY B 118 7.92 -10.66 3.18
CA GLY B 118 7.27 -10.74 4.48
C GLY B 118 6.44 -9.49 4.69
N TRP B 119 6.20 -9.10 5.94
CA TRP B 119 5.48 -7.84 6.14
C TRP B 119 6.35 -6.67 6.65
N ASP B 120 7.41 -6.95 7.43
CA ASP B 120 8.48 -5.96 7.63
C ASP B 120 9.79 -6.69 7.90
N PRO B 121 10.68 -6.75 6.89
CA PRO B 121 10.51 -6.11 5.57
C PRO B 121 9.44 -6.76 4.69
N GLY B 122 8.93 -6.02 3.73
CA GLY B 122 7.92 -6.53 2.81
C GLY B 122 6.83 -5.51 2.55
N MET B 123 5.63 -5.78 3.04
CA MET B 123 4.49 -4.87 2.86
C MET B 123 4.78 -3.50 3.47
N PHE B 124 5.48 -3.46 4.59
CA PHE B 124 5.77 -2.17 5.23
C PHE B 124 6.76 -1.35 4.40
N SER B 125 7.71 -2.05 3.77
CA SER B 125 8.65 -1.44 2.84
C SER B 125 7.92 -0.76 1.69
N ILE B 126 6.99 -1.49 1.09
CA ILE B 126 6.21 -0.98 -0.01
C ILE B 126 5.45 0.26 0.41
N ASN B 127 4.78 0.19 1.56
CA ASN B 127 4.02 1.33 2.05
C ASN B 127 4.86 2.55 2.46
N ARG B 128 6.06 2.33 2.97
CA ARG B 128 6.96 3.44 3.24
C ARG B 128 7.26 4.20 1.96
N VAL B 129 7.56 3.44 0.90
CA VAL B 129 8.03 4.04 -0.33
C VAL B 129 6.91 4.73 -1.13
N TYR B 130 5.74 4.11 -1.22
CA TYR B 130 4.61 4.76 -1.91
C TYR B 130 4.24 6.11 -1.28
N ALA B 131 4.07 6.12 0.04
CA ALA B 131 3.59 7.32 0.72
C ALA B 131 4.63 8.46 0.69
N ALA B 132 5.91 8.11 0.81
CA ALA B 132 6.96 9.14 0.74
C ALA B 132 7.16 9.68 -0.66
N ALA B 133 6.96 8.84 -1.68
CA ALA B 133 7.06 9.26 -3.07
C ALA B 133 5.93 10.25 -3.44
N VAL B 134 4.73 9.96 -2.97
CA VAL B 134 3.56 10.79 -3.27
C VAL B 134 3.55 12.13 -2.52
N LEU B 135 3.75 12.09 -1.20
CA LEU B 135 3.73 13.31 -0.41
C LEU B 135 5.09 14.00 -0.41
N ALA B 136 5.16 15.11 -1.16
CA ALA B 136 6.40 15.81 -1.46
C ALA B 136 7.30 16.08 -0.26
N GLU B 137 6.80 16.63 0.84
CA GLU B 137 7.79 16.79 1.94
C GLU B 137 7.28 16.20 3.26
N HIS B 138 7.40 14.88 3.34
CA HIS B 138 6.68 14.06 4.28
C HIS B 138 7.37 13.98 5.65
N GLN B 139 6.57 13.68 6.68
CA GLN B 139 7.00 13.05 7.92
C GLN B 139 6.49 11.59 7.93
N GLN B 140 7.31 10.65 8.38
CA GLN B 140 6.92 9.23 8.31
C GLN B 140 7.46 8.46 9.52
N HIS B 141 6.63 7.58 10.08
CA HIS B 141 7.04 6.73 11.21
C HIS B 141 6.52 5.31 11.04
N THR B 142 7.31 4.34 11.47
CA THR B 142 6.84 2.95 11.53
C THR B 142 6.62 2.54 12.98
N PHE B 143 5.47 1.95 13.31
CA PHE B 143 5.28 1.42 14.66
C PHE B 143 5.13 -0.10 14.60
N TRP B 144 5.74 -0.80 15.55
CA TRP B 144 5.64 -2.26 15.61
C TRP B 144 4.62 -2.61 16.68
N GLY B 145 3.67 -3.45 16.28
CA GLY B 145 2.32 -3.36 16.80
C GLY B 145 2.29 -4.00 18.14
N PRO B 146 1.15 -3.94 18.83
CA PRO B 146 1.04 -4.86 19.97
C PRO B 146 1.35 -6.24 19.43
N GLY B 147 2.54 -6.75 19.73
CA GLY B 147 2.93 -8.06 19.22
C GLY B 147 4.02 -8.75 20.03
N LEU B 148 4.02 -10.06 19.94
CA LEU B 148 5.02 -10.91 20.57
C LEU B 148 6.34 -10.84 19.84
N SER B 149 7.42 -10.53 20.57
CA SER B 149 8.74 -10.47 19.96
C SER B 149 9.48 -11.79 20.24
N LEU B 150 9.76 -12.52 19.17
CA LEU B 150 10.42 -13.82 19.28
C LEU B 150 11.81 -13.66 19.89
N GLY B 151 12.58 -12.69 19.40
CA GLY B 151 13.91 -12.45 19.91
C GLY B 151 13.96 -12.13 21.39
N HIS B 152 13.17 -11.14 21.81
CA HIS B 152 13.12 -10.77 23.22
C HIS B 152 12.57 -11.90 24.09
N SER B 153 11.61 -12.67 23.57
CA SER B 153 11.03 -13.74 24.37
C SER B 153 12.09 -14.81 24.62
N GLY B 154 12.89 -15.12 23.59
CA GLY B 154 13.99 -16.08 23.72
C GLY B 154 15.02 -15.65 24.73
N ALA B 155 15.35 -14.35 24.72
CA ALA B 155 16.36 -13.81 25.60
C ALA B 155 15.93 -13.85 27.07
N LEU B 156 14.65 -13.63 27.34
CA LEU B 156 14.08 -13.77 28.70
C LEU B 156 14.18 -15.22 29.23
N ARG B 157 13.77 -16.16 28.38
CA ARG B 157 13.72 -17.57 28.77
C ARG B 157 15.07 -18.14 29.20
N ARG B 158 16.15 -17.62 28.61
CA ARG B 158 17.50 -18.10 28.90
C ARG B 158 18.06 -17.68 30.27
N ILE B 159 17.49 -16.63 30.85
CA ILE B 159 17.94 -16.10 32.15
C ILE B 159 17.81 -17.19 33.23
N PRO B 160 18.87 -17.40 34.03
CA PRO B 160 18.80 -18.45 35.07
C PRO B 160 17.58 -18.32 35.99
N GLY B 161 16.84 -19.40 36.18
CA GLY B 161 15.66 -19.34 37.02
C GLY B 161 14.34 -18.97 36.34
N VAL B 162 14.39 -18.54 35.07
CA VAL B 162 13.16 -18.30 34.33
C VAL B 162 12.61 -19.63 33.77
N GLN B 163 11.38 -19.93 34.17
CA GLN B 163 10.73 -21.15 33.76
C GLN B 163 9.90 -21.01 32.48
N LYS B 164 9.10 -19.93 32.40
CA LYS B 164 8.35 -19.59 31.18
C LYS B 164 8.35 -18.07 31.07
N ALA B 165 8.35 -17.55 29.83
CA ALA B 165 8.31 -16.10 29.64
C ALA B 165 7.84 -15.69 28.24
N VAL B 166 7.27 -14.49 28.14
CA VAL B 166 7.03 -13.84 26.85
C VAL B 166 7.28 -12.34 26.95
N GLN B 167 7.70 -11.72 25.85
CA GLN B 167 7.84 -10.24 25.79
C GLN B 167 6.92 -9.72 24.69
N TYR B 168 6.21 -8.60 24.93
CA TYR B 168 5.49 -7.91 23.87
C TYR B 168 6.08 -6.51 23.62
N ILE B 169 6.10 -6.07 22.37
CA ILE B 169 6.42 -4.68 22.02
C ILE B 169 5.11 -3.95 21.74
N LEU B 170 4.95 -2.72 22.24
CA LEU B 170 3.68 -1.98 22.13
C LEU B 170 3.93 -0.53 21.75
N PRO B 171 3.17 -0.02 20.78
CA PRO B 171 3.27 1.39 20.39
C PRO B 171 2.74 2.33 21.48
N SER B 172 3.46 3.39 21.82
CA SER B 172 2.86 4.43 22.65
C SER B 172 1.67 5.05 21.92
N GLU B 173 0.53 5.12 22.58
CA GLU B 173 -0.70 5.61 21.96
C GLU B 173 -0.64 7.13 21.77
N ASP B 174 0.18 7.77 22.60
CA ASP B 174 0.45 9.19 22.43
C ASP B 174 1.24 9.40 21.16
N ALA B 175 2.22 8.55 20.91
CA ALA B 175 3.08 8.70 19.73
C ALA B 175 2.28 8.44 18.45
N LEU B 176 1.42 7.41 18.47
CA LEU B 176 0.51 7.15 17.34
C LEU B 176 -0.28 8.39 16.92
N GLU B 177 -0.98 9.00 17.86
CA GLU B 177 -1.79 10.13 17.44
C GLU B 177 -0.94 11.39 17.29
N LYS B 178 0.22 11.45 17.92
CA LYS B 178 1.15 12.53 17.60
C LYS B 178 1.58 12.40 16.13
N ALA B 179 1.96 11.20 15.71
CA ALA B 179 2.30 10.97 14.30
C ALA B 179 1.15 11.38 13.35
N ARG B 180 -0.08 11.00 13.72
CA ARG B 180 -1.25 11.27 12.87
C ARG B 180 -1.48 12.76 12.67
N ARG B 181 -1.14 13.56 13.68
CA ARG B 181 -1.29 15.02 13.60
C ARG B 181 -0.02 15.74 13.16
N GLY B 182 0.97 14.98 12.69
CA GLY B 182 2.20 15.55 12.18
C GLY B 182 3.07 16.29 13.17
N GLU B 183 3.18 15.77 14.39
CA GLU B 183 4.09 16.36 15.38
C GLU B 183 4.84 15.30 16.18
N ALA B 184 5.33 14.28 15.49
CA ALA B 184 6.12 13.23 16.14
C ALA B 184 7.59 13.27 15.69
N GLY B 185 8.00 14.38 15.07
CA GLY B 185 9.33 14.50 14.48
C GLY B 185 10.48 14.39 15.46
N ASP B 186 10.21 14.73 16.72
CA ASP B 186 11.25 14.74 17.76
C ASP B 186 11.54 13.37 18.39
N LEU B 187 10.83 12.33 17.96
CA LEU B 187 10.88 11.04 18.68
C LEU B 187 11.64 9.93 17.96
N THR B 188 12.04 8.92 18.73
CA THR B 188 12.74 7.73 18.21
C THR B 188 12.22 6.45 18.86
N GLY B 189 12.89 5.35 18.57
CA GLY B 189 12.48 4.03 19.05
C GLY B 189 12.23 3.93 20.55
N LYS B 190 13.14 4.47 21.36
CA LYS B 190 13.02 4.34 22.80
C LYS B 190 11.89 5.20 23.38
N GLN B 191 11.37 6.14 22.58
CA GLN B 191 10.23 6.95 23.02
C GLN B 191 8.90 6.49 22.41
N THR B 192 8.94 5.95 21.20
CA THR B 192 7.71 5.60 20.50
C THR B 192 7.13 4.22 20.89
N HIS B 193 7.91 3.42 21.61
CA HIS B 193 7.47 2.07 21.97
C HIS B 193 7.72 1.75 23.44
N LYS B 194 6.92 0.82 23.94
CA LYS B 194 6.96 0.33 25.33
C LYS B 194 7.12 -1.19 25.30
N MET B 195 7.63 -1.78 26.38
CA MET B 195 7.79 -3.25 26.45
C MET B 195 7.09 -3.88 27.65
N GLN B 196 6.45 -5.03 27.44
CA GLN B 196 5.70 -5.68 28.48
C GLN B 196 6.16 -7.13 28.63
N CYS B 197 6.60 -7.52 29.83
CA CYS B 197 7.02 -8.92 30.11
C CYS B 197 6.08 -9.64 31.07
N PHE B 198 5.87 -10.93 30.80
CA PHE B 198 5.17 -11.86 31.70
C PHE B 198 6.06 -13.07 31.94
N VAL B 199 6.37 -13.36 33.20
CA VAL B 199 7.38 -14.35 33.57
C VAL B 199 6.84 -15.31 34.63
N VAL B 200 7.12 -16.60 34.49
CA VAL B 200 6.86 -17.57 35.57
C VAL B 200 8.17 -17.96 36.25
N ALA B 201 8.29 -17.71 37.57
CA ALA B 201 9.52 -17.98 38.33
C ALA B 201 9.25 -18.02 39.83
N ASP B 202 10.11 -18.71 40.58
CA ASP B 202 9.96 -18.81 42.04
C ASP B 202 10.13 -17.43 42.69
N ALA B 203 9.35 -17.16 43.73
CA ALA B 203 9.29 -15.80 44.28
C ALA B 203 10.64 -15.31 44.80
N ALA B 204 11.47 -16.23 45.30
CA ALA B 204 12.79 -15.89 45.82
C ALA B 204 13.72 -15.37 44.71
N ASP B 205 13.40 -15.69 43.46
CA ASP B 205 14.21 -15.24 42.33
C ASP B 205 13.71 -13.94 41.63
N HIS B 206 12.55 -13.43 42.02
CA HIS B 206 11.93 -12.26 41.36
C HIS B 206 12.84 -11.02 41.36
N GLU B 207 13.44 -10.69 42.50
CA GLU B 207 14.27 -9.48 42.57
C GLU B 207 15.43 -9.53 41.58
N ARG B 208 16.17 -10.64 41.59
CA ARG B 208 17.31 -10.78 40.66
C ARG B 208 16.90 -10.85 39.19
N ILE B 209 15.91 -11.69 38.86
CA ILE B 209 15.43 -11.80 37.47
C ILE B 209 14.99 -10.44 36.92
N GLU B 210 14.27 -9.64 37.72
CA GLU B 210 13.81 -8.35 37.23
C GLU B 210 14.99 -7.42 36.92
N ASN B 211 16.02 -7.44 37.76
CA ASN B 211 17.18 -6.64 37.49
C ASN B 211 17.97 -7.15 36.27
N ASP B 212 18.03 -8.47 36.06
CA ASP B 212 18.69 -9.05 34.89
C ASP B 212 17.97 -8.60 33.61
N ILE B 213 16.62 -8.56 33.66
CA ILE B 213 15.85 -8.08 32.52
C ILE B 213 16.14 -6.60 32.26
N ARG B 214 15.90 -5.77 33.27
CA ARG B 214 15.97 -4.31 33.11
C ARG B 214 17.36 -3.78 32.71
N THR B 215 18.42 -4.54 33.01
CA THR B 215 19.78 -4.08 32.70
C THR B 215 20.39 -4.85 31.53
N MET B 216 19.54 -5.54 30.76
CA MET B 216 20.04 -6.34 29.63
C MET B 216 20.28 -5.48 28.37
N PRO B 217 21.54 -5.37 27.95
CA PRO B 217 21.96 -4.55 26.80
C PRO B 217 21.34 -5.02 25.48
N ASP B 218 21.04 -4.06 24.59
CA ASP B 218 20.46 -4.32 23.25
C ASP B 218 18.97 -4.68 23.28
N TYR B 219 18.56 -5.47 24.25
CA TYR B 219 17.15 -5.86 24.32
C TYR B 219 16.28 -4.91 25.14
N PHE B 220 16.74 -4.51 26.33
CA PHE B 220 15.85 -3.83 27.27
C PHE B 220 16.34 -2.47 27.83
N VAL B 221 17.66 -2.26 27.90
CA VAL B 221 18.20 -1.00 28.43
C VAL B 221 17.71 0.21 27.61
N GLY B 222 17.18 1.21 28.32
CA GLY B 222 16.75 2.47 27.71
C GLY B 222 15.25 2.54 27.42
N TYR B 223 14.57 1.40 27.45
CA TYR B 223 13.14 1.35 27.09
C TYR B 223 12.31 1.44 28.35
N GLU B 224 11.07 1.88 28.20
CA GLU B 224 10.08 1.71 29.25
C GLU B 224 9.64 0.23 29.28
N VAL B 225 9.81 -0.40 30.45
CA VAL B 225 9.61 -1.84 30.55
C VAL B 225 8.73 -2.18 31.74
N GLU B 226 7.64 -2.90 31.48
CA GLU B 226 6.81 -3.45 32.55
C GLU B 226 7.11 -4.94 32.76
N VAL B 227 7.31 -5.38 34.01
CA VAL B 227 7.62 -6.79 34.30
C VAL B 227 6.60 -7.38 35.27
N ASN B 228 5.86 -8.38 34.79
CA ASN B 228 4.80 -9.05 35.54
C ASN B 228 5.14 -10.50 35.86
N PHE B 229 5.20 -10.85 37.13
CA PHE B 229 5.36 -12.25 37.52
C PHE B 229 3.98 -12.88 37.70
N ILE B 230 3.72 -13.99 37.01
CA ILE B 230 2.41 -14.63 37.03
C ILE B 230 2.51 -16.14 37.22
N ASP B 231 1.42 -16.75 37.69
CA ASP B 231 1.40 -18.19 37.94
C ASP B 231 1.33 -18.92 36.60
N GLU B 232 1.67 -20.20 36.61
CA GLU B 232 1.87 -20.94 35.37
C GLU B 232 0.57 -21.28 34.62
N ALA B 233 -0.53 -21.48 35.34
CA ALA B 233 -1.82 -21.75 34.66
C ALA B 233 -2.30 -20.53 33.88
N THR B 234 -2.10 -19.35 34.47
CA THR B 234 -2.47 -18.11 33.81
C THR B 234 -1.63 -17.93 32.57
N PHE B 235 -0.34 -18.22 32.69
CA PHE B 235 0.58 -18.14 31.56
C PHE B 235 0.13 -19.02 30.37
N ASP B 236 -0.13 -20.30 30.63
CA ASP B 236 -0.49 -21.26 29.58
C ASP B 236 -1.81 -20.91 28.88
N SER B 237 -2.76 -20.36 29.61
CA SER B 237 -4.05 -20.08 28.98
C SER B 237 -3.98 -18.78 28.17
N GLU B 238 -3.25 -17.79 28.68
CA GLU B 238 -3.34 -16.45 28.08
C GLU B 238 -2.17 -16.04 27.17
N HIS B 239 -1.02 -16.70 27.26
CA HIS B 239 0.16 -16.16 26.56
C HIS B 239 0.90 -17.09 25.58
N THR B 240 0.19 -17.97 24.87
CA THR B 240 0.88 -18.94 24.00
C THR B 240 0.65 -18.76 22.48
N GLY B 241 0.00 -17.67 22.09
CA GLY B 241 -0.17 -17.36 20.68
C GLY B 241 1.00 -16.57 20.10
N MET B 242 0.95 -16.24 18.82
CA MET B 242 1.99 -15.37 18.26
C MET B 242 1.40 -14.14 17.55
N PRO B 243 0.70 -13.29 18.30
CA PRO B 243 0.09 -12.10 17.69
C PRO B 243 1.14 -11.08 17.24
N ASN B 244 0.87 -10.34 16.17
CA ASN B 244 1.70 -9.19 15.83
C ASN B 244 0.99 -8.23 14.88
N GLY B 245 1.74 -7.28 14.32
CA GLY B 245 1.17 -6.22 13.50
C GLY B 245 1.92 -4.90 13.63
N GLY B 246 1.36 -3.86 13.02
CA GLY B 246 1.97 -2.55 13.09
C GLY B 246 1.23 -1.49 12.29
N HIS B 247 1.88 -0.32 12.18
CA HIS B 247 1.39 1.00 11.75
C HIS B 247 2.46 1.61 10.82
N VAL B 248 2.12 2.01 9.60
CA VAL B 248 2.98 2.93 8.88
C VAL B 248 2.20 4.21 8.61
N ILE B 249 2.65 5.30 9.24
CA ILE B 249 1.90 6.56 9.23
C ILE B 249 2.72 7.65 8.57
N THR B 250 2.12 8.32 7.59
CA THR B 250 2.80 9.35 6.81
C THR B 250 1.91 10.57 6.66
N THR B 251 2.51 11.75 6.85
CA THR B 251 1.79 13.02 6.73
C THR B 251 2.52 13.98 5.79
N GLY B 252 1.77 14.86 5.12
CA GLY B 252 2.39 15.87 4.29
C GLY B 252 1.50 17.09 4.20
N ASP B 253 2.13 18.23 3.94
CA ASP B 253 1.41 19.50 3.79
C ASP B 253 1.44 19.95 2.33
N THR B 254 0.32 20.45 1.80
CA THR B 254 0.33 20.99 0.42
C THR B 254 0.00 22.48 0.34
N GLY B 255 0.50 23.26 1.30
CA GLY B 255 0.26 24.69 1.33
C GLY B 255 -0.91 25.09 2.22
N GLY B 256 -0.85 24.70 3.48
CA GLY B 256 -1.89 24.98 4.45
C GLY B 256 -2.95 23.88 4.55
N PHE B 257 -2.70 22.73 3.94
CA PHE B 257 -3.65 21.60 3.99
C PHE B 257 -2.91 20.30 4.31
N ASN B 258 -3.36 19.57 5.34
CA ASN B 258 -2.73 18.31 5.73
C ASN B 258 -3.35 17.07 5.07
N HIS B 259 -2.51 16.07 4.85
CA HIS B 259 -2.94 14.75 4.38
C HIS B 259 -2.30 13.68 5.26
N THR B 260 -3.09 12.70 5.69
CA THR B 260 -2.54 11.58 6.50
C THR B 260 -2.80 10.26 5.79
N VAL B 261 -1.74 9.48 5.60
CA VAL B 261 -1.84 8.16 5.00
C VAL B 261 -1.51 7.13 6.11
N GLU B 262 -2.35 6.11 6.32
CA GLU B 262 -2.06 5.14 7.36
C GLU B 262 -2.31 3.69 6.95
N TYR B 263 -1.33 2.83 7.20
CA TYR B 263 -1.40 1.42 6.85
C TYR B 263 -1.26 0.60 8.12
N ILE B 264 -2.24 -0.29 8.35
CA ILE B 264 -2.36 -1.02 9.60
C ILE B 264 -2.47 -2.52 9.40
N LEU B 265 -1.65 -3.29 10.11
CA LEU B 265 -1.77 -4.77 10.11
C LEU B 265 -2.12 -5.28 11.51
N LYS B 266 -3.09 -6.18 11.56
CA LYS B 266 -3.45 -6.86 12.80
C LYS B 266 -3.51 -8.37 12.56
N LEU B 267 -2.51 -9.08 13.08
CA LEU B 267 -2.27 -10.47 12.73
C LEU B 267 -2.44 -11.41 13.91
N ASP B 268 -3.35 -12.37 13.80
CA ASP B 268 -3.49 -13.37 14.86
C ASP B 268 -2.28 -14.28 14.99
N ARG B 269 -1.54 -14.46 13.90
CA ARG B 269 -0.41 -15.40 13.92
C ARG B 269 0.67 -15.00 12.92
N ASN B 270 1.76 -14.45 13.47
CA ASN B 270 2.85 -13.83 12.70
C ASN B 270 3.36 -14.68 11.53
N PRO B 271 3.81 -15.93 11.79
CA PRO B 271 4.34 -16.69 10.65
C PRO B 271 3.30 -17.01 9.56
N ASP B 272 2.02 -17.06 9.90
CA ASP B 272 0.99 -17.30 8.90
C ASP B 272 0.90 -16.15 7.88
N PHE B 273 1.00 -14.91 8.35
CA PHE B 273 0.90 -13.77 7.42
C PHE B 273 2.22 -13.55 6.69
N THR B 274 3.33 -13.75 7.39
CA THR B 274 4.65 -13.73 6.74
C THR B 274 4.73 -14.73 5.58
N ALA B 275 4.22 -15.95 5.81
CA ALA B 275 4.24 -16.99 4.78
C ALA B 275 3.37 -16.60 3.57
N SER B 276 2.23 -15.96 3.82
CA SER B 276 1.33 -15.53 2.74
C SER B 276 2.00 -14.53 1.81
N SER B 277 2.75 -13.60 2.37
CA SER B 277 3.45 -12.62 1.54
C SER B 277 4.56 -13.32 0.74
N GLN B 278 5.28 -14.24 1.40
CA GLN B 278 6.35 -14.99 0.75
C GLN B 278 5.82 -15.76 -0.46
N ILE B 279 4.62 -16.32 -0.33
CA ILE B 279 3.98 -17.05 -1.42
C ILE B 279 3.75 -16.15 -2.62
N ALA B 280 3.03 -15.05 -2.40
CA ALA B 280 2.68 -14.14 -3.49
C ALA B 280 3.93 -13.71 -4.23
N PHE B 281 5.02 -13.43 -3.51
CA PHE B 281 6.24 -13.00 -4.18
C PHE B 281 6.91 -14.19 -4.87
N GLY B 282 6.60 -15.40 -4.42
CA GLY B 282 7.08 -16.60 -5.09
C GLY B 282 6.51 -16.66 -6.51
N ARG B 283 5.19 -16.49 -6.61
CA ARG B 283 4.49 -16.43 -7.89
C ARG B 283 5.03 -15.33 -8.79
N ALA B 284 5.24 -14.13 -8.23
CA ALA B 284 5.84 -13.02 -8.95
C ALA B 284 7.25 -13.32 -9.43
N ALA B 285 8.05 -13.95 -8.58
CA ALA B 285 9.41 -14.33 -8.94
C ALA B 285 9.38 -15.23 -10.15
N HIS B 286 8.56 -16.28 -10.10
CA HIS B 286 8.34 -17.04 -11.31
C HIS B 286 7.91 -16.04 -12.33
N ARG B 287 6.79 -15.35 -12.11
CA ARG B 287 6.13 -14.65 -13.21
C ARG B 287 7.02 -13.74 -14.02
N MET B 288 8.16 -13.35 -13.48
CA MET B 288 9.19 -12.76 -14.29
C MET B 288 9.76 -13.91 -15.18
N LYS B 289 8.94 -15.00 -15.32
CA LYS B 289 9.10 -16.19 -16.23
C LYS B 289 8.95 -15.96 -17.75
N GLN B 290 7.73 -15.97 -18.29
CA GLN B 290 7.59 -15.81 -19.78
C GLN B 290 7.45 -14.34 -20.08
N GLN B 291 8.11 -13.54 -19.24
CA GLN B 291 8.45 -12.17 -19.55
C GLN B 291 9.95 -12.22 -19.75
N GLY B 292 10.55 -13.33 -19.30
CA GLY B 292 11.96 -13.60 -19.48
C GLY B 292 12.85 -12.76 -18.58
N GLN B 293 14.16 -13.04 -18.63
CA GLN B 293 15.20 -12.23 -17.98
C GLN B 293 15.12 -12.21 -16.45
N SER B 294 16.25 -12.01 -15.78
CA SER B 294 16.29 -12.07 -14.32
C SER B 294 17.58 -11.60 -13.61
N GLY B 295 17.49 -11.50 -12.30
CA GLY B 295 18.59 -11.11 -11.42
C GLY B 295 18.13 -11.15 -9.97
N ALA B 296 18.64 -10.27 -9.11
CA ALA B 296 18.13 -10.18 -7.74
C ALA B 296 17.31 -8.89 -7.53
N PHE B 297 16.13 -9.01 -6.91
CA PHE B 297 15.23 -7.86 -6.73
C PHE B 297 14.59 -7.75 -5.32
N THR B 298 14.37 -6.52 -4.84
CA THR B 298 13.57 -6.29 -3.63
C THR B 298 12.10 -6.09 -3.99
N VAL B 299 11.21 -6.08 -3.00
CA VAL B 299 9.78 -5.92 -3.27
C VAL B 299 9.45 -4.55 -3.90
N LEU B 300 10.41 -3.63 -3.84
CA LEU B 300 10.24 -2.31 -4.46
C LEU B 300 10.36 -2.37 -5.98
N GLU B 301 10.92 -3.47 -6.47
CA GLU B 301 11.21 -3.61 -7.89
C GLU B 301 10.20 -4.52 -8.62
N VAL B 302 9.09 -4.84 -7.95
CA VAL B 302 8.08 -5.73 -8.50
C VAL B 302 6.73 -5.04 -8.69
N ALA B 303 6.27 -4.91 -9.94
CA ALA B 303 4.98 -4.28 -10.20
C ALA B 303 3.88 -5.11 -9.52
N PRO B 304 2.87 -4.44 -8.94
CA PRO B 304 1.83 -5.09 -8.13
C PRO B 304 1.16 -6.32 -8.76
N TYR B 305 0.66 -6.23 -10.00
CA TYR B 305 -0.18 -7.29 -10.57
C TYR B 305 0.45 -8.69 -10.55
N LEU B 306 1.78 -8.74 -10.54
CA LEU B 306 2.51 -10.00 -10.53
C LEU B 306 2.18 -10.90 -9.33
N LEU B 307 1.78 -10.29 -8.21
CA LEU B 307 1.48 -11.07 -7.02
C LEU B 307 0.23 -11.96 -7.19
N SER B 308 -0.73 -11.50 -7.98
CA SER B 308 -2.04 -12.14 -8.07
C SER B 308 -2.07 -13.35 -9.00
N PRO B 309 -2.82 -14.40 -8.61
CA PRO B 309 -2.95 -15.58 -9.48
C PRO B 309 -3.87 -15.32 -10.68
N GLU B 310 -4.38 -14.10 -10.78
CA GLU B 310 -5.25 -13.73 -11.88
C GLU B 310 -4.55 -12.90 -12.94
N ASN B 311 -5.04 -13.00 -14.18
CA ASN B 311 -4.48 -12.23 -15.29
C ASN B 311 -4.83 -10.76 -15.19
N LEU B 312 -4.02 -9.94 -15.85
CA LEU B 312 -4.08 -8.48 -15.69
C LEU B 312 -5.43 -7.91 -16.08
N ASP B 313 -6.01 -8.40 -17.17
CA ASP B 313 -7.23 -7.79 -17.69
C ASP B 313 -8.39 -7.96 -16.71
N ASP B 314 -8.46 -9.12 -16.07
CA ASP B 314 -9.46 -9.32 -15.02
C ASP B 314 -9.27 -8.36 -13.83
N LEU B 315 -8.02 -8.14 -13.42
CA LEU B 315 -7.73 -7.18 -12.34
C LEU B 315 -8.10 -5.77 -12.75
N ILE B 316 -7.64 -5.36 -13.93
CA ILE B 316 -7.96 -4.04 -14.48
C ILE B 316 -9.46 -3.79 -14.54
N ALA B 317 -10.21 -4.74 -15.08
CA ALA B 317 -11.66 -4.59 -15.22
C ALA B 317 -12.39 -4.55 -13.87
N ARG B 318 -11.79 -5.16 -12.86
CA ARG B 318 -12.46 -5.34 -11.56
C ARG B 318 -12.00 -4.37 -10.44
N ASP B 319 -10.69 -4.19 -10.29
CA ASP B 319 -10.17 -3.57 -9.07
C ASP B 319 -9.70 -2.12 -9.17
N VAL B 320 -9.53 -1.61 -10.39
CA VAL B 320 -9.08 -0.22 -10.54
C VAL B 320 -10.24 0.75 -10.41
#